data_6OR8
#
_entry.id   6OR8
#
_cell.length_a   47.393
_cell.length_b   52.527
_cell.length_c   53.393
_cell.angle_alpha   90.00
_cell.angle_beta   114.39
_cell.angle_gamma   90.00
#
_symmetry.space_group_name_H-M   'P 1 21 1'
#
loop_
_entity.id
_entity.type
_entity.pdbx_description
1 polymer 'Quinolinate synthase A'
2 non-polymer 'IRON/SULFUR CLUSTER'
3 non-polymer '2-hydroxy-N-[(1S)-1-hydroxy-3-oxopropyl]-L-aspartic acid'
4 non-polymer 'PHOSPHATE ION'
5 water water
#
_entity_poly.entity_id   1
_entity_poly.type   'polypeptide(L)'
_entity_poly.pdbx_seq_one_letter_code
;MDLVEEILRLKEERNAIILAHNYQLPEVQDIADFIGDSLELARRATRVDADVIVFAGVDFMAETAKILNPDKVVLIPSRE
ATCAMANMLKVEHILEAKRKYPNAPVVLYVNSTAEAKAYADVTVTSANAVEVVKKLDSDVVIFGPDKNLAHYVAKMTGKK
IIPVPSKGHCYVHQKFTLDDVERAKKLHPNAKLMIHPECIPEVQEKADIIASTGGMIKRACEWDEWVVFTEREMVYRLRK
LYPQKKFYPAREDAFCIGMKAITLKNIYESLKDMKYKVEVPEEIARKARKAIERMLEMSK
;
_entity_poly.pdbx_strand_id   A
#
# COMPACT_ATOMS: atom_id res chain seq x y z
N ASP A 2 -20.60 6.73 -22.01
CA ASP A 2 -19.70 6.28 -23.07
C ASP A 2 -18.65 5.35 -22.48
N LEU A 3 -17.47 5.89 -22.14
CA LEU A 3 -16.40 5.05 -21.63
C LEU A 3 -16.82 4.31 -20.36
N VAL A 4 -17.56 4.98 -19.48
CA VAL A 4 -18.01 4.36 -18.25
C VAL A 4 -18.98 3.22 -18.54
N GLU A 5 -19.98 3.45 -19.40
CA GLU A 5 -20.92 2.39 -19.73
CA GLU A 5 -20.91 2.37 -19.70
C GLU A 5 -20.24 1.25 -20.47
N GLU A 6 -19.21 1.56 -21.27
CA GLU A 6 -18.47 0.52 -21.98
C GLU A 6 -17.71 -0.35 -21.00
N ILE A 7 -17.11 0.25 -19.97
CA ILE A 7 -16.40 -0.53 -18.97
C ILE A 7 -17.36 -1.44 -18.22
N LEU A 8 -18.52 -0.91 -17.82
CA LEU A 8 -19.49 -1.74 -17.11
C LEU A 8 -20.01 -2.88 -17.97
N ARG A 9 -20.18 -2.64 -19.28
CA ARG A 9 -20.60 -3.73 -20.18
C ARG A 9 -19.57 -4.84 -20.21
N LEU A 10 -18.31 -4.49 -20.37
CA LEU A 10 -17.25 -5.48 -20.46
C LEU A 10 -16.99 -6.13 -19.11
N LYS A 11 -17.09 -5.35 -18.03
CA LYS A 11 -16.94 -5.92 -16.69
C LYS A 11 -17.97 -7.03 -16.49
N GLU A 12 -19.22 -6.75 -16.86
CA GLU A 12 -20.27 -7.75 -16.76
C GLU A 12 -19.96 -8.95 -17.62
N GLU A 13 -19.57 -8.71 -18.88
CA GLU A 13 -19.35 -9.82 -19.79
C GLU A 13 -18.19 -10.69 -19.32
N ARG A 14 -17.10 -10.08 -18.86
CA ARG A 14 -15.90 -10.79 -18.45
C ARG A 14 -16.03 -11.47 -17.10
N ASN A 15 -17.15 -11.28 -16.38
CA ASN A 15 -17.27 -11.75 -15.00
C ASN A 15 -16.11 -11.17 -14.17
N ALA A 16 -15.91 -9.88 -14.31
CA ALA A 16 -14.77 -9.22 -13.71
C ALA A 16 -15.18 -8.37 -12.53
N ILE A 17 -14.20 -8.11 -11.67
CA ILE A 17 -14.33 -7.09 -10.63
C ILE A 17 -13.16 -6.13 -10.78
N ILE A 18 -13.40 -4.86 -10.48
CA ILE A 18 -12.39 -3.82 -10.54
C ILE A 18 -12.04 -3.45 -9.10
N LEU A 19 -10.77 -3.61 -8.74
CA LEU A 19 -10.25 -3.24 -7.44
C LEU A 19 -9.43 -1.97 -7.60
N ALA A 20 -9.80 -0.90 -6.91
CA ALA A 20 -9.07 0.36 -7.05
C ALA A 20 -8.43 0.77 -5.72
N HIS A 21 -7.13 1.11 -5.78
CA HIS A 21 -6.46 1.62 -4.60
C HIS A 21 -6.98 3.02 -4.25
N ASN A 22 -6.82 3.38 -2.98
CA ASN A 22 -7.22 4.67 -2.45
C ASN A 22 -6.57 5.85 -3.17
N TYR A 23 -5.41 5.68 -3.82
CA TYR A 23 -4.77 6.75 -4.56
C TYR A 23 -5.22 6.86 -6.00
N GLN A 24 -6.20 6.06 -6.40
CA GLN A 24 -6.64 6.14 -7.78
C GLN A 24 -7.42 7.42 -8.04
N LEU A 25 -7.33 7.87 -9.28
CA LEU A 25 -8.07 9.04 -9.73
C LEU A 25 -9.54 8.94 -9.32
N PRO A 26 -10.18 10.06 -8.98
CA PRO A 26 -11.61 10.03 -8.61
C PRO A 26 -12.50 9.29 -9.58
N GLU A 27 -12.32 9.49 -10.90
CA GLU A 27 -13.20 8.82 -11.86
C GLU A 27 -12.94 7.32 -11.94
N VAL A 28 -11.76 6.86 -11.52
CA VAL A 28 -11.50 5.43 -11.42
C VAL A 28 -12.13 4.86 -10.15
N GLN A 29 -11.93 5.52 -9.01
CA GLN A 29 -12.60 5.09 -7.79
C GLN A 29 -14.10 4.98 -8.02
N ASP A 30 -14.67 5.90 -8.81
CA ASP A 30 -16.12 5.93 -9.00
C ASP A 30 -16.64 4.72 -9.77
N ILE A 31 -15.84 4.04 -10.58
CA ILE A 31 -16.32 2.85 -11.28
C ILE A 31 -15.81 1.55 -10.67
N ALA A 32 -15.10 1.61 -9.56
CA ALA A 32 -14.51 0.43 -8.96
C ALA A 32 -15.55 -0.31 -8.12
N ASP A 33 -15.37 -1.63 -8.01
CA ASP A 33 -16.24 -2.44 -7.17
C ASP A 33 -15.82 -2.37 -5.70
N PHE A 34 -14.52 -2.41 -5.45
CA PHE A 34 -13.96 -2.26 -4.11
C PHE A 34 -12.85 -1.22 -4.18
N ILE A 35 -12.73 -0.44 -3.11
CA ILE A 35 -11.72 0.61 -2.97
C ILE A 35 -11.05 0.41 -1.62
N GLY A 36 -9.72 0.45 -1.58
CA GLY A 36 -9.03 0.35 -0.31
C GLY A 36 -7.53 0.25 -0.50
N ASP A 37 -6.85 -0.22 0.56
CA ASP A 37 -5.44 -0.51 0.38
C ASP A 37 -5.26 -1.88 -0.28
N SER A 38 -4.01 -2.22 -0.63
CA SER A 38 -3.78 -3.36 -1.51
C SER A 38 -4.16 -4.67 -0.84
N LEU A 39 -3.83 -4.83 0.45
CA LEU A 39 -4.20 -6.06 1.13
C LEU A 39 -5.72 -6.19 1.27
N GLU A 40 -6.40 -5.10 1.67
CA GLU A 40 -7.86 -5.10 1.75
C GLU A 40 -8.46 -5.53 0.42
N LEU A 41 -7.94 -4.99 -0.68
CA LEU A 41 -8.48 -5.30 -2.00
C LEU A 41 -8.30 -6.78 -2.35
N ALA A 42 -7.09 -7.30 -2.15
CA ALA A 42 -6.84 -8.71 -2.45
C ALA A 42 -7.75 -9.61 -1.62
N ARG A 43 -7.95 -9.28 -0.34
CA ARG A 43 -8.82 -10.10 0.51
C ARG A 43 -10.30 -9.97 0.13
N ARG A 44 -10.73 -8.76 -0.25
CA ARG A 44 -12.12 -8.61 -0.70
C ARG A 44 -12.41 -9.50 -1.90
N ALA A 45 -11.44 -9.64 -2.81
CA ALA A 45 -11.67 -10.43 -4.02
C ALA A 45 -11.83 -11.91 -3.71
N THR A 46 -11.24 -12.39 -2.62
CA THR A 46 -11.40 -13.78 -2.23
C THR A 46 -12.82 -14.11 -1.79
N ARG A 47 -13.69 -13.11 -1.67
CA ARG A 47 -15.08 -13.34 -1.31
C ARG A 47 -15.95 -13.83 -2.47
N VAL A 48 -15.49 -13.72 -3.71
CA VAL A 48 -16.33 -14.04 -4.85
C VAL A 48 -15.56 -14.89 -5.85
N ASP A 49 -16.30 -15.70 -6.60
CA ASP A 49 -15.75 -16.41 -7.75
C ASP A 49 -15.81 -15.57 -9.03
N ALA A 50 -15.34 -14.33 -8.99
CA ALA A 50 -15.19 -13.61 -10.25
C ALA A 50 -14.07 -14.29 -11.05
N ASP A 51 -14.18 -14.26 -12.36
CA ASP A 51 -13.15 -14.87 -13.19
C ASP A 51 -11.95 -13.96 -13.35
N VAL A 52 -12.17 -12.64 -13.31
CA VAL A 52 -11.15 -11.64 -13.67
C VAL A 52 -11.11 -10.56 -12.60
N ILE A 53 -9.90 -10.17 -12.19
CA ILE A 53 -9.65 -8.94 -11.43
C ILE A 53 -8.95 -7.96 -12.35
N VAL A 54 -9.48 -6.74 -12.45
CA VAL A 54 -8.75 -5.63 -13.04
C VAL A 54 -8.23 -4.80 -11.88
N PHE A 55 -6.91 -4.76 -11.70
CA PHE A 55 -6.35 -4.09 -10.54
C PHE A 55 -5.93 -2.67 -10.94
N ALA A 56 -6.72 -1.69 -10.52
CA ALA A 56 -6.38 -0.28 -10.70
C ALA A 56 -5.44 0.14 -9.57
N GLY A 57 -4.17 -0.13 -9.79
CA GLY A 57 -3.15 0.10 -8.77
C GLY A 57 -1.81 -0.22 -9.40
N VAL A 58 -0.80 -0.49 -8.58
CA VAL A 58 0.55 -0.70 -9.07
C VAL A 58 0.94 -2.18 -9.01
N ASP A 59 2.10 -2.48 -9.61
CA ASP A 59 2.55 -3.84 -9.89
C ASP A 59 2.45 -4.78 -8.68
N PHE A 60 3.04 -4.39 -7.55
CA PHE A 60 3.09 -5.33 -6.43
C PHE A 60 1.71 -5.61 -5.87
N MET A 61 0.77 -4.66 -6.03
CA MET A 61 -0.56 -4.87 -5.49
C MET A 61 -1.31 -5.90 -6.31
N ALA A 62 -1.18 -5.82 -7.65
CA ALA A 62 -1.73 -6.85 -8.53
C ALA A 62 -1.12 -8.21 -8.22
N GLU A 63 0.18 -8.25 -7.92
CA GLU A 63 0.80 -9.52 -7.50
C GLU A 63 0.17 -10.07 -6.23
N THR A 64 -0.07 -9.21 -5.22
CA THR A 64 -0.68 -9.71 -3.98
C THR A 64 -2.08 -10.26 -4.25
N ALA A 65 -2.83 -9.61 -5.14
CA ALA A 65 -4.14 -10.14 -5.50
C ALA A 65 -4.02 -11.51 -6.14
N LYS A 66 -3.02 -11.70 -7.01
CA LYS A 66 -2.83 -13.00 -7.65
C LYS A 66 -2.40 -14.04 -6.63
N ILE A 67 -1.54 -13.64 -5.68
CA ILE A 67 -1.13 -14.57 -4.61
C ILE A 67 -2.33 -15.07 -3.82
N LEU A 68 -3.25 -14.17 -3.45
CA LEU A 68 -4.41 -14.60 -2.68
C LEU A 68 -5.58 -15.08 -3.55
N ASN A 69 -5.53 -14.86 -4.86
CA ASN A 69 -6.55 -15.35 -5.79
C ASN A 69 -5.87 -16.05 -6.96
N PRO A 70 -5.17 -17.17 -6.73
CA PRO A 70 -4.49 -17.83 -7.85
C PRO A 70 -5.45 -18.37 -8.89
N ASP A 71 -6.72 -18.56 -8.51
CA ASP A 71 -7.74 -19.08 -9.39
C ASP A 71 -8.37 -18.00 -10.28
N LYS A 72 -7.94 -16.74 -10.15
CA LYS A 72 -8.44 -15.65 -10.97
C LYS A 72 -7.38 -15.19 -11.98
N VAL A 73 -7.85 -14.73 -13.13
CA VAL A 73 -7.00 -13.95 -14.02
C VAL A 73 -6.90 -12.56 -13.44
N VAL A 74 -5.68 -12.08 -13.19
CA VAL A 74 -5.47 -10.75 -12.60
C VAL A 74 -4.82 -9.89 -13.67
N LEU A 75 -5.47 -8.81 -14.02
CA LEU A 75 -5.00 -7.89 -15.05
C LEU A 75 -4.49 -6.60 -14.41
N ILE A 76 -3.39 -6.08 -14.93
CA ILE A 76 -2.96 -4.71 -14.63
C ILE A 76 -3.04 -3.89 -15.91
N PRO A 77 -3.69 -2.72 -15.89
CA PRO A 77 -3.94 -2.02 -17.15
C PRO A 77 -2.70 -1.45 -17.81
N SER A 78 -1.61 -1.27 -17.05
CA SER A 78 -0.41 -0.65 -17.57
C SER A 78 0.79 -1.29 -16.90
N ARG A 79 1.78 -1.65 -17.70
CA ARG A 79 3.03 -2.12 -17.13
C ARG A 79 3.87 -0.99 -16.59
N GLU A 80 3.44 0.25 -16.74
CA GLU A 80 4.12 1.39 -16.12
C GLU A 80 3.51 1.78 -14.77
N ALA A 81 2.50 1.04 -14.30
CA ALA A 81 1.95 1.27 -12.98
C ALA A 81 2.84 0.51 -12.01
N THR A 82 3.90 1.18 -11.53
CA THR A 82 4.94 0.53 -10.72
C THR A 82 5.21 1.32 -9.44
N CYS A 83 5.73 0.60 -8.44
CA CYS A 83 6.07 1.17 -7.14
C CYS A 83 7.58 1.36 -7.02
N ALA A 84 8.00 2.62 -6.91
CA ALA A 84 9.43 2.92 -6.87
C ALA A 84 10.08 2.37 -5.63
N MET A 85 9.35 2.40 -4.50
CA MET A 85 9.93 1.92 -3.25
CA MET A 85 9.92 1.91 -3.25
C MET A 85 10.10 0.40 -3.28
N ALA A 86 9.06 -0.33 -3.70
CA ALA A 86 9.12 -1.79 -3.71
C ALA A 86 10.23 -2.27 -4.63
N ASN A 87 10.44 -1.56 -5.73
CA ASN A 87 11.43 -2.03 -6.70
C ASN A 87 12.86 -1.60 -6.35
N MET A 88 13.08 -0.82 -5.27
CA MET A 88 14.46 -0.61 -4.80
C MET A 88 15.04 -1.86 -4.15
N LEU A 89 14.19 -2.75 -3.66
CA LEU A 89 14.65 -3.92 -2.92
C LEU A 89 14.97 -5.04 -3.91
N LYS A 90 16.22 -5.49 -3.90
CA LYS A 90 16.68 -6.60 -4.72
C LYS A 90 16.89 -7.82 -3.81
N VAL A 91 16.76 -9.02 -4.39
CA VAL A 91 16.92 -10.23 -3.59
C VAL A 91 18.28 -10.26 -2.91
N GLU A 92 19.33 -9.77 -3.59
CA GLU A 92 20.67 -9.76 -2.98
C GLU A 92 20.69 -8.99 -1.67
N HIS A 93 19.91 -7.91 -1.56
CA HIS A 93 19.82 -7.16 -0.30
C HIS A 93 19.34 -8.06 0.83
N ILE A 94 18.30 -8.85 0.58
CA ILE A 94 17.77 -9.73 1.62
C ILE A 94 18.80 -10.80 1.98
N LEU A 95 19.40 -11.41 0.97
CA LEU A 95 20.33 -12.50 1.26
C LEU A 95 21.53 -12.01 2.05
N GLU A 96 22.03 -10.81 1.74
CA GLU A 96 23.20 -10.33 2.46
C GLU A 96 22.87 -10.08 3.92
N ALA A 97 21.70 -9.52 4.19
CA ALA A 97 21.30 -9.30 5.57
C ALA A 97 21.08 -10.64 6.28
N LYS A 98 20.46 -11.62 5.60
CA LYS A 98 20.25 -12.92 6.21
C LYS A 98 21.56 -13.60 6.54
N ARG A 99 22.56 -13.47 5.65
CA ARG A 99 23.85 -14.10 5.90
C ARG A 99 24.49 -13.54 7.16
N LYS A 100 24.33 -12.23 7.37
CA LYS A 100 24.95 -11.56 8.51
C LYS A 100 24.22 -11.88 9.80
N TYR A 101 22.90 -12.00 9.74
CA TYR A 101 22.03 -12.21 10.90
C TYR A 101 21.17 -13.43 10.65
N PRO A 102 21.76 -14.62 10.68
CA PRO A 102 21.02 -15.82 10.29
C PRO A 102 19.89 -16.18 11.23
N ASN A 103 19.88 -15.69 12.47
CA ASN A 103 18.78 -15.95 13.37
C ASN A 103 17.73 -14.84 13.38
N ALA A 104 17.87 -13.81 12.54
CA ALA A 104 16.87 -12.75 12.53
C ALA A 104 15.73 -13.09 11.58
N PRO A 105 14.48 -13.01 12.02
CA PRO A 105 13.36 -13.11 11.09
C PRO A 105 13.45 -12.04 10.01
N VAL A 106 12.97 -12.39 8.83
CA VAL A 106 12.89 -11.47 7.70
C VAL A 106 11.44 -11.02 7.61
N VAL A 107 11.19 -9.71 7.77
CA VAL A 107 9.85 -9.14 7.72
C VAL A 107 9.75 -8.26 6.49
N LEU A 108 8.73 -8.49 5.66
CA LEU A 108 8.45 -7.61 4.53
C LEU A 108 7.15 -6.84 4.73
N TYR A 109 7.24 -5.52 4.65
CA TYR A 109 6.07 -4.67 4.45
C TYR A 109 5.24 -5.21 3.29
N VAL A 110 3.90 -5.18 3.42
CA VAL A 110 3.05 -5.65 2.34
C VAL A 110 3.29 -4.87 1.04
N ASN A 111 3.81 -3.65 1.13
CA ASN A 111 4.26 -2.89 -0.04
C ASN A 111 5.63 -3.43 -0.44
N SER A 112 5.61 -4.50 -1.22
CA SER A 112 6.84 -5.19 -1.65
C SER A 112 6.47 -6.15 -2.77
N THR A 113 7.48 -6.57 -3.53
CA THR A 113 7.22 -7.51 -4.61
C THR A 113 6.86 -8.88 -4.05
N ALA A 114 6.11 -9.65 -4.84
CA ALA A 114 5.85 -11.05 -4.49
C ALA A 114 7.15 -11.78 -4.22
N GLU A 115 8.15 -11.56 -5.08
CA GLU A 115 9.42 -12.27 -4.92
C GLU A 115 10.06 -11.99 -3.57
N ALA A 116 10.03 -10.73 -3.12
CA ALA A 116 10.55 -10.40 -1.80
C ALA A 116 9.74 -11.09 -0.69
N LYS A 117 8.42 -11.17 -0.84
CA LYS A 117 7.62 -11.83 0.17
C LYS A 117 7.99 -13.31 0.30
N ALA A 118 8.55 -13.91 -0.75
CA ALA A 118 8.89 -15.33 -0.71
C ALA A 118 10.08 -15.59 0.21
N TYR A 119 10.90 -14.58 0.48
CA TYR A 119 12.00 -14.67 1.45
C TYR A 119 11.59 -14.25 2.85
N ALA A 120 10.36 -13.80 3.04
CA ALA A 120 9.92 -13.30 4.33
C ALA A 120 9.43 -14.45 5.21
N ASP A 121 9.72 -14.34 6.49
CA ASP A 121 9.07 -15.18 7.47
C ASP A 121 7.64 -14.72 7.75
N VAL A 122 7.37 -13.41 7.65
CA VAL A 122 6.05 -12.85 7.88
C VAL A 122 6.00 -11.52 7.16
N THR A 123 4.80 -11.11 6.73
CA THR A 123 4.55 -9.75 6.25
C THR A 123 3.93 -8.90 7.36
N VAL A 124 3.90 -7.59 7.12
CA VAL A 124 3.23 -6.67 8.05
C VAL A 124 2.53 -5.59 7.25
N THR A 125 1.45 -5.09 7.82
CA THR A 125 0.79 -3.86 7.40
C THR A 125 1.28 -2.72 8.30
N SER A 126 0.94 -1.47 7.93
CA SER A 126 1.28 -0.37 8.82
C SER A 126 0.60 -0.52 10.18
N ALA A 127 -0.64 -1.02 10.16
CA ALA A 127 -1.43 -1.04 11.39
C ALA A 127 -0.97 -2.13 12.35
N ASN A 128 -0.42 -3.25 11.85
CA ASN A 128 -0.03 -4.33 12.75
C ASN A 128 1.48 -4.50 12.88
N ALA A 129 2.28 -3.65 12.22
CA ALA A 129 3.73 -3.88 12.17
C ALA A 129 4.34 -3.89 13.56
N VAL A 130 3.93 -2.94 14.41
CA VAL A 130 4.52 -2.83 15.74
C VAL A 130 4.18 -4.07 16.56
N GLU A 131 2.91 -4.47 16.55
CA GLU A 131 2.46 -5.61 17.35
C GLU A 131 3.15 -6.88 16.90
N VAL A 132 3.19 -7.11 15.58
CA VAL A 132 3.79 -8.32 15.01
C VAL A 132 5.28 -8.38 15.30
N VAL A 133 5.98 -7.27 15.09
CA VAL A 133 7.43 -7.27 15.30
C VAL A 133 7.76 -7.39 16.78
N LYS A 134 6.95 -6.77 17.66
CA LYS A 134 7.17 -6.99 19.09
C LYS A 134 7.00 -8.47 19.45
N LYS A 135 6.10 -9.17 18.75
CA LYS A 135 5.79 -10.55 19.06
C LYS A 135 6.81 -11.54 18.50
N LEU A 136 7.52 -11.19 17.43
CA LEU A 136 8.47 -12.11 16.82
C LEU A 136 9.55 -12.48 17.82
N ASP A 137 9.98 -13.75 17.76
CA ASP A 137 10.87 -14.33 18.78
C ASP A 137 12.32 -14.04 18.42
N SER A 138 12.69 -12.76 18.50
CA SER A 138 14.05 -12.32 18.22
C SER A 138 14.16 -10.85 18.59
N ASP A 139 15.32 -10.45 19.12
CA ASP A 139 15.58 -9.04 19.42
C ASP A 139 16.13 -8.31 18.21
N VAL A 140 16.46 -9.03 17.13
CA VAL A 140 16.98 -8.45 15.90
C VAL A 140 16.06 -8.86 14.77
N VAL A 141 15.67 -7.91 13.93
CA VAL A 141 14.74 -8.21 12.84
C VAL A 141 15.20 -7.53 11.55
N ILE A 142 15.20 -8.28 10.45
CA ILE A 142 15.45 -7.73 9.12
C ILE A 142 14.12 -7.23 8.56
N PHE A 143 14.09 -6.01 8.01
CA PHE A 143 12.81 -5.36 7.67
C PHE A 143 12.99 -4.55 6.39
N GLY A 144 12.13 -4.78 5.41
CA GLY A 144 12.15 -3.97 4.22
C GLY A 144 10.76 -3.78 3.62
N PRO A 145 10.66 -2.95 2.55
CA PRO A 145 11.78 -2.24 1.94
C PRO A 145 11.91 -0.77 2.34
N ASP A 146 11.14 -0.31 3.32
CA ASP A 146 11.06 1.12 3.60
C ASP A 146 11.79 1.44 4.89
N LYS A 147 12.84 2.26 4.78
CA LYS A 147 13.66 2.56 5.95
C LYS A 147 12.95 3.47 6.93
N ASN A 148 11.98 4.27 6.45
CA ASN A 148 11.26 5.15 7.36
C ASN A 148 10.24 4.39 8.19
N LEU A 149 9.49 3.47 7.58
CA LEU A 149 8.66 2.57 8.36
C LEU A 149 9.51 1.70 9.30
N ALA A 150 10.68 1.28 8.84
CA ALA A 150 11.56 0.51 9.73
C ALA A 150 11.97 1.33 10.94
N HIS A 151 12.28 2.61 10.73
CA HIS A 151 12.64 3.49 11.84
C HIS A 151 11.49 3.62 12.82
N TYR A 152 10.27 3.71 12.31
CA TYR A 152 9.10 3.82 13.18
C TYR A 152 8.93 2.55 14.00
N VAL A 153 9.02 1.40 13.34
CA VAL A 153 8.91 0.13 14.04
C VAL A 153 10.00 -0.02 15.10
N ALA A 154 11.23 0.41 14.78
CA ALA A 154 12.33 0.30 15.76
C ALA A 154 12.04 1.12 17.01
N LYS A 155 11.58 2.37 16.82
CA LYS A 155 11.26 3.24 17.94
C LYS A 155 10.15 2.66 18.81
N MET A 156 9.14 2.08 18.19
CA MET A 156 7.96 1.59 18.89
C MET A 156 8.16 0.23 19.56
N THR A 157 9.10 -0.59 19.07
CA THR A 157 9.34 -1.92 19.64
C THR A 157 10.65 -2.03 20.41
N GLY A 158 11.56 -1.07 20.27
CA GLY A 158 12.86 -1.18 20.90
C GLY A 158 13.78 -2.22 20.29
N LYS A 159 13.35 -2.91 19.24
CA LYS A 159 14.18 -3.97 18.68
C LYS A 159 15.19 -3.41 17.70
N LYS A 160 16.20 -4.21 17.40
CA LYS A 160 17.21 -3.83 16.43
C LYS A 160 16.66 -4.16 15.06
N ILE A 161 16.40 -3.15 14.26
CA ILE A 161 15.78 -3.34 12.96
C ILE A 161 16.83 -3.07 11.91
N ILE A 162 17.08 -4.07 11.07
CA ILE A 162 18.03 -3.97 9.96
C ILE A 162 17.22 -3.62 8.72
N PRO A 163 17.23 -2.38 8.23
CA PRO A 163 16.45 -2.06 7.02
C PRO A 163 17.15 -2.59 5.79
N VAL A 164 16.38 -3.24 4.91
CA VAL A 164 16.87 -3.65 3.59
C VAL A 164 15.94 -3.11 2.49
N PRO A 165 16.50 -2.41 1.48
CA PRO A 165 17.87 -1.93 1.40
C PRO A 165 18.04 -0.78 2.39
N SER A 166 19.27 -0.40 2.74
CA SER A 166 19.46 0.60 3.79
C SER A 166 18.81 1.93 3.41
N LYS A 167 18.78 2.23 2.13
CA LYS A 167 18.27 3.51 1.66
C LYS A 167 16.86 3.42 1.09
N GLY A 168 16.16 2.31 1.27
CA GLY A 168 14.86 2.14 0.65
C GLY A 168 13.82 3.11 1.19
N HIS A 169 13.03 3.69 0.28
CA HIS A 169 12.09 4.72 0.68
C HIS A 169 11.13 4.99 -0.46
N CYS A 170 10.05 5.70 -0.14
CA CYS A 170 9.04 6.11 -1.13
C CYS A 170 9.22 7.60 -1.39
N TYR A 171 9.53 7.96 -2.64
CA TYR A 171 9.78 9.38 -2.96
C TYR A 171 8.53 10.24 -2.71
N VAL A 172 7.34 9.67 -2.82
CA VAL A 172 6.12 10.46 -2.60
C VAL A 172 6.05 10.93 -1.16
N HIS A 173 6.34 10.04 -0.21
CA HIS A 173 6.22 10.41 1.18
C HIS A 173 7.47 11.06 1.72
N GLN A 174 8.62 10.80 1.08
CA GLN A 174 9.87 11.39 1.56
C GLN A 174 9.87 12.89 1.37
N LYS A 175 9.10 13.40 0.42
CA LYS A 175 9.18 14.82 0.11
C LYS A 175 8.47 15.71 1.13
N PHE A 176 7.65 15.15 2.04
CA PHE A 176 7.13 15.96 3.13
C PHE A 176 8.24 16.40 4.07
N THR A 177 8.23 17.68 4.43
CA THR A 177 9.25 18.27 5.28
C THR A 177 8.60 18.87 6.51
N LEU A 178 9.45 19.30 7.45
CA LEU A 178 8.94 20.02 8.61
C LEU A 178 8.30 21.32 8.20
N ASP A 179 8.80 21.96 7.14
CA ASP A 179 8.15 23.13 6.58
C ASP A 179 6.69 22.84 6.19
N ASP A 180 6.41 21.63 5.68
CA ASP A 180 5.02 21.31 5.33
C ASP A 180 4.15 21.17 6.57
N VAL A 181 4.70 20.57 7.62
CA VAL A 181 3.99 20.52 8.91
C VAL A 181 3.66 21.93 9.38
N GLU A 182 4.66 22.82 9.35
CA GLU A 182 4.43 24.16 9.87
C GLU A 182 3.45 24.94 9.00
N ARG A 183 3.53 24.79 7.67
CA ARG A 183 2.50 25.39 6.82
C ARG A 183 1.12 24.83 7.14
N ALA A 184 1.01 23.51 7.39
CA ALA A 184 -0.29 22.92 7.71
C ALA A 184 -0.88 23.54 8.97
N LYS A 185 -0.07 23.70 10.00
CA LYS A 185 -0.60 24.24 11.26
C LYS A 185 -0.90 25.72 11.13
N LYS A 186 -0.12 26.43 10.30
CA LYS A 186 -0.37 27.84 10.04
C LYS A 186 -1.70 28.03 9.34
N LEU A 187 -2.00 27.19 8.35
CA LEU A 187 -3.21 27.38 7.58
C LEU A 187 -4.42 26.79 8.24
N HIS A 188 -4.25 25.70 9.00
CA HIS A 188 -5.35 24.95 9.59
C HIS A 188 -5.07 24.67 11.06
N PRO A 189 -5.17 25.70 11.90
CA PRO A 189 -4.76 25.56 13.31
C PRO A 189 -5.65 24.64 14.12
N ASN A 190 -6.87 24.38 13.69
CA ASN A 190 -7.73 23.46 14.43
C ASN A 190 -7.63 22.03 13.95
N ALA A 191 -6.82 21.74 12.94
CA ALA A 191 -6.72 20.41 12.38
C ALA A 191 -5.69 19.58 13.13
N LYS A 192 -5.90 18.27 13.12
CA LYS A 192 -4.89 17.32 13.53
C LYS A 192 -4.23 16.72 12.28
N LEU A 193 -3.06 16.13 12.46
CA LEU A 193 -2.25 15.64 11.34
C LEU A 193 -2.28 14.13 11.30
N MET A 194 -2.72 13.56 10.19
CA MET A 194 -2.60 12.12 9.98
C MET A 194 -1.43 11.86 9.02
N ILE A 195 -0.46 11.06 9.46
CA ILE A 195 0.83 11.00 8.78
C ILE A 195 1.17 9.55 8.46
N HIS A 196 1.46 9.29 7.20
CA HIS A 196 1.82 7.94 6.77
C HIS A 196 3.19 7.56 7.35
N PRO A 197 3.38 6.30 7.79
CA PRO A 197 4.70 5.94 8.36
C PRO A 197 5.81 5.89 7.33
N GLU A 198 5.54 6.09 6.04
CA GLU A 198 6.63 6.20 5.09
C GLU A 198 7.22 7.62 5.07
N CYS A 199 6.64 8.55 5.82
CA CYS A 199 7.24 9.88 5.97
C CYS A 199 8.49 9.81 6.84
N ILE A 200 9.33 10.85 6.74
CA ILE A 200 10.62 10.82 7.41
C ILE A 200 10.39 10.96 8.91
N PRO A 201 11.32 10.49 9.75
CA PRO A 201 11.07 10.45 11.20
C PRO A 201 10.73 11.79 11.83
N GLU A 202 11.38 12.89 11.43
CA GLU A 202 11.07 14.19 12.03
CA GLU A 202 11.06 14.19 12.03
C GLU A 202 9.63 14.62 11.70
N VAL A 203 9.10 14.19 10.56
CA VAL A 203 7.70 14.44 10.24
C VAL A 203 6.79 13.50 11.03
N GLN A 204 7.14 12.21 11.15
CA GLN A 204 6.38 11.31 12.01
C GLN A 204 6.21 11.86 13.41
N GLU A 205 7.29 12.48 13.95
CA GLU A 205 7.27 12.98 15.33
C GLU A 205 6.22 14.06 15.54
N LYS A 206 5.78 14.73 14.48
CA LYS A 206 4.73 15.74 14.59
C LYS A 206 3.32 15.18 14.43
N ALA A 207 3.17 13.88 14.21
CA ALA A 207 1.87 13.35 13.86
C ALA A 207 0.94 13.29 15.07
N ASP A 208 -0.35 13.56 14.81
CA ASP A 208 -1.37 13.22 15.80
C ASP A 208 -1.73 11.75 15.71
N ILE A 209 -1.78 11.20 14.50
CA ILE A 209 -1.85 9.76 14.30
C ILE A 209 -0.88 9.37 13.19
N ILE A 210 -0.23 8.21 13.37
CA ILE A 210 0.60 7.56 12.35
C ILE A 210 -0.22 6.41 11.77
N ALA A 211 -0.51 6.46 10.48
CA ALA A 211 -1.38 5.46 9.89
C ALA A 211 -1.16 5.43 8.40
N SER A 212 -1.29 4.23 7.82
CA SER A 212 -1.38 4.15 6.37
C SER A 212 -2.83 4.40 5.97
N THR A 213 -3.18 4.19 4.71
CA THR A 213 -4.49 4.68 4.27
C THR A 213 -5.63 3.94 4.94
N GLY A 214 -5.49 2.63 5.17
CA GLY A 214 -6.57 1.91 5.84
C GLY A 214 -6.83 2.43 7.24
N GLY A 215 -5.76 2.73 7.96
CA GLY A 215 -5.90 3.27 9.31
C GLY A 215 -6.32 4.72 9.34
N MET A 216 -5.97 5.50 8.32
CA MET A 216 -6.52 6.85 8.22
C MET A 216 -8.04 6.81 8.16
N ILE A 217 -8.60 5.91 7.35
CA ILE A 217 -10.05 5.81 7.26
C ILE A 217 -10.63 5.36 8.59
N LYS A 218 -9.96 4.41 9.27
CA LYS A 218 -10.53 3.89 10.50
C LYS A 218 -10.49 4.92 11.62
N ARG A 219 -9.45 5.76 11.67
CA ARG A 219 -9.22 6.64 12.80
C ARG A 219 -9.67 8.08 12.54
N ALA A 220 -10.23 8.37 11.36
CA ALA A 220 -10.68 9.73 11.08
C ALA A 220 -11.80 10.16 12.02
N CYS A 221 -12.44 9.21 12.69
CA CYS A 221 -13.49 9.49 13.67
CA CYS A 221 -13.50 9.60 13.61
C CYS A 221 -12.97 10.26 14.88
N GLU A 222 -11.65 10.27 15.08
CA GLU A 222 -11.08 10.86 16.28
C GLU A 222 -11.03 12.38 16.23
N TRP A 223 -11.25 13.01 15.08
CA TRP A 223 -11.30 14.48 15.02
C TRP A 223 -12.14 14.87 13.82
N ASP A 224 -12.54 16.15 13.76
CA ASP A 224 -13.38 16.58 12.66
C ASP A 224 -12.64 17.31 11.54
N GLU A 225 -11.32 17.46 11.64
CA GLU A 225 -10.55 18.26 10.69
C GLU A 225 -9.13 17.72 10.64
N TRP A 226 -8.66 17.37 9.44
CA TRP A 226 -7.41 16.64 9.29
C TRP A 226 -6.60 17.20 8.12
N VAL A 227 -5.29 17.37 8.34
CA VAL A 227 -4.34 17.53 7.23
C VAL A 227 -3.71 16.17 6.95
N VAL A 228 -3.67 15.79 5.69
CA VAL A 228 -3.40 14.41 5.30
C VAL A 228 -2.00 14.32 4.68
N PHE A 229 -1.07 13.66 5.37
CA PHE A 229 0.30 13.53 4.89
C PHE A 229 0.44 12.20 4.15
N THR A 230 -0.15 12.15 2.96
CA THR A 230 0.05 11.01 2.05
C THR A 230 -0.27 11.49 0.66
N GLU A 231 -0.26 10.57 -0.31
CA GLU A 231 -0.57 10.89 -1.69
C GLU A 231 -1.89 11.65 -1.76
N ARG A 232 -1.92 12.74 -2.55
CA ARG A 232 -3.02 13.70 -2.39
C ARG A 232 -4.39 13.15 -2.77
N GLU A 233 -4.46 12.08 -3.59
CA GLU A 233 -5.77 11.53 -3.92
C GLU A 233 -6.47 10.91 -2.73
N MET A 234 -5.74 10.59 -1.66
CA MET A 234 -6.40 10.14 -0.43
C MET A 234 -7.42 11.14 0.06
N VAL A 235 -7.22 12.43 -0.20
CA VAL A 235 -8.16 13.43 0.30
C VAL A 235 -9.55 13.21 -0.33
N TYR A 236 -9.62 12.81 -1.60
CA TYR A 236 -10.91 12.55 -2.25
C TYR A 236 -11.63 11.41 -1.55
N ARG A 237 -10.91 10.33 -1.26
CA ARG A 237 -11.51 9.16 -0.62
C ARG A 237 -12.04 9.51 0.78
N LEU A 238 -11.25 10.25 1.56
CA LEU A 238 -11.70 10.66 2.89
C LEU A 238 -12.90 11.59 2.84
N ARG A 239 -12.90 12.56 1.93
CA ARG A 239 -14.05 13.46 1.78
C ARG A 239 -15.31 12.72 1.37
N LYS A 240 -15.19 11.66 0.58
CA LYS A 240 -16.37 10.91 0.17
C LYS A 240 -16.93 10.11 1.34
N LEU A 241 -16.04 9.50 2.12
CA LEU A 241 -16.48 8.67 3.24
C LEU A 241 -16.99 9.51 4.41
N TYR A 242 -16.40 10.69 4.64
CA TYR A 242 -16.72 11.52 5.80
C TYR A 242 -17.04 12.93 5.34
N PRO A 243 -18.20 13.13 4.73
CA PRO A 243 -18.51 14.44 4.13
C PRO A 243 -18.75 15.53 5.15
N GLN A 244 -18.95 15.17 6.42
CA GLN A 244 -19.15 16.13 7.50
C GLN A 244 -17.85 16.65 8.11
N LYS A 245 -16.73 16.01 7.80
CA LYS A 245 -15.42 16.43 8.30
C LYS A 245 -14.72 17.31 7.29
N LYS A 246 -13.56 17.86 7.67
CA LYS A 246 -12.75 18.63 6.73
C LYS A 246 -11.40 17.96 6.58
N PHE A 247 -10.94 17.83 5.34
CA PHE A 247 -9.66 17.22 5.00
C PHE A 247 -8.91 18.14 4.04
N TYR A 248 -7.60 18.27 4.26
CA TYR A 248 -6.74 19.10 3.44
C TYR A 248 -5.50 18.28 3.09
N PRO A 249 -5.03 18.35 1.85
CA PRO A 249 -3.76 17.71 1.53
C PRO A 249 -2.61 18.45 2.17
N ALA A 250 -1.63 17.69 2.66
CA ALA A 250 -0.41 18.31 3.17
C ALA A 250 0.37 18.98 2.05
N ARG A 251 0.39 18.34 0.89
CA ARG A 251 0.98 18.89 -0.32
C ARG A 251 0.17 18.38 -1.50
N GLU A 252 -0.32 19.31 -2.32
CA GLU A 252 -1.03 18.88 -3.52
C GLU A 252 -0.12 18.10 -4.47
N ASP A 253 1.19 18.41 -4.51
CA ASP A 253 2.08 17.79 -5.50
C ASP A 253 2.67 16.47 -5.01
N ALA A 254 2.16 15.92 -3.90
CA ALA A 254 2.51 14.57 -3.47
C ALA A 254 1.71 13.56 -4.30
N PHE A 255 2.22 13.24 -5.50
CA PHE A 255 1.57 12.30 -6.41
C PHE A 255 2.42 11.07 -6.64
N CYS A 256 1.77 9.92 -6.82
CA CYS A 256 2.47 8.68 -7.16
C CYS A 256 2.35 8.46 -8.66
N ILE A 257 3.47 8.60 -9.40
CA ILE A 257 3.41 8.50 -10.86
C ILE A 257 2.89 7.12 -11.27
N GLY A 258 3.24 6.07 -10.52
CA GLY A 258 2.78 4.73 -10.89
C GLY A 258 1.27 4.60 -10.84
N MET A 259 0.65 5.19 -9.81
CA MET A 259 -0.81 5.18 -9.71
C MET A 259 -1.45 5.91 -10.88
N LYS A 260 -0.83 6.98 -11.35
CA LYS A 260 -1.37 7.76 -12.45
C LYS A 260 -1.15 7.12 -13.82
N ALA A 261 -0.52 5.95 -13.90
CA ALA A 261 -0.49 5.22 -15.16
C ALA A 261 -1.84 4.58 -15.47
N ILE A 262 -2.74 4.50 -14.49
CA ILE A 262 -4.04 3.86 -14.67
C ILE A 262 -5.06 4.92 -15.09
N THR A 263 -5.81 4.64 -16.15
CA THR A 263 -6.85 5.55 -16.67
C THR A 263 -8.11 4.75 -16.99
N LEU A 264 -9.23 5.47 -17.18
CA LEU A 264 -10.44 4.78 -17.64
C LEU A 264 -10.19 4.11 -18.98
N LYS A 265 -9.47 4.80 -19.88
CA LYS A 265 -9.20 4.25 -21.20
C LYS A 265 -8.44 2.93 -21.13
N ASN A 266 -7.41 2.83 -20.27
CA ASN A 266 -6.71 1.56 -20.31
C ASN A 266 -7.34 0.50 -19.42
N ILE A 267 -8.27 0.88 -18.53
CA ILE A 267 -9.12 -0.11 -17.87
C ILE A 267 -10.05 -0.72 -18.91
N TYR A 268 -10.58 0.10 -19.81
CA TYR A 268 -11.39 -0.42 -20.91
C TYR A 268 -10.58 -1.37 -21.77
N GLU A 269 -9.37 -0.95 -22.18
CA GLU A 269 -8.54 -1.80 -23.04
C GLU A 269 -8.12 -3.07 -22.32
N SER A 270 -7.92 -3.00 -21.01
CA SER A 270 -7.61 -4.18 -20.22
C SER A 270 -8.71 -5.22 -20.34
N LEU A 271 -9.96 -4.81 -20.15
CA LEU A 271 -11.10 -5.72 -20.28
C LEU A 271 -11.29 -6.20 -21.70
N LYS A 272 -11.17 -5.30 -22.67
CA LYS A 272 -11.39 -5.68 -24.06
C LYS A 272 -10.40 -6.75 -24.50
N ASP A 273 -9.13 -6.63 -24.11
CA ASP A 273 -8.06 -7.50 -24.61
C ASP A 273 -7.54 -8.51 -23.60
N MET A 274 -8.06 -8.51 -22.37
CA MET A 274 -7.60 -9.39 -21.30
C MET A 274 -6.09 -9.26 -21.09
N LYS A 275 -5.65 -8.01 -20.87
CA LYS A 275 -4.23 -7.69 -20.65
C LYS A 275 -4.15 -6.64 -19.53
N TYR A 276 -3.03 -6.49 -18.82
CA TYR A 276 -1.83 -7.34 -18.96
C TYR A 276 -1.89 -8.38 -17.86
N LYS A 277 -1.75 -9.64 -18.22
CA LYS A 277 -1.94 -10.70 -17.24
C LYS A 277 -0.77 -10.76 -16.25
N VAL A 278 -1.09 -10.75 -14.96
CA VAL A 278 -0.06 -10.76 -13.93
C VAL A 278 0.27 -12.20 -13.61
N GLU A 279 1.56 -12.52 -13.62
CA GLU A 279 2.07 -13.86 -13.40
C GLU A 279 2.93 -13.88 -12.16
N VAL A 280 2.67 -14.81 -11.25
CA VAL A 280 3.51 -15.03 -10.08
C VAL A 280 3.92 -16.50 -10.07
N PRO A 281 5.21 -16.82 -10.08
CA PRO A 281 5.63 -18.24 -10.05
C PRO A 281 5.03 -19.00 -8.88
N GLU A 282 4.74 -20.28 -9.14
CA GLU A 282 3.95 -21.09 -8.20
C GLU A 282 4.62 -21.16 -6.83
N GLU A 283 5.94 -21.33 -6.80
CA GLU A 283 6.62 -21.51 -5.53
C GLU A 283 6.79 -20.18 -4.80
N ILE A 284 6.96 -19.09 -5.54
CA ILE A 284 6.98 -17.77 -4.93
C ILE A 284 5.63 -17.47 -4.29
N ALA A 285 4.54 -17.79 -4.98
CA ALA A 285 3.21 -17.51 -4.44
C ALA A 285 2.95 -18.35 -3.19
N ARG A 286 3.34 -19.62 -3.20
CA ARG A 286 3.15 -20.46 -2.02
C ARG A 286 3.94 -19.90 -0.84
N LYS A 287 5.18 -19.49 -1.07
CA LYS A 287 5.99 -18.95 0.01
C LYS A 287 5.49 -17.59 0.47
N ALA A 288 5.01 -16.76 -0.46
CA ALA A 288 4.45 -15.47 -0.08
C ALA A 288 3.15 -15.66 0.68
N ARG A 289 2.27 -16.56 0.19
CA ARG A 289 1.03 -16.84 0.90
C ARG A 289 1.31 -17.23 2.34
N LYS A 290 2.32 -18.09 2.54
CA LYS A 290 2.65 -18.57 3.86
C LYS A 290 3.02 -17.42 4.80
N ALA A 291 3.75 -16.43 4.28
CA ALA A 291 4.12 -15.28 5.09
C ALA A 291 2.92 -14.39 5.37
N ILE A 292 2.01 -14.23 4.40
CA ILE A 292 0.82 -13.42 4.62
C ILE A 292 -0.11 -14.12 5.63
N GLU A 293 -0.31 -15.42 5.48
CA GLU A 293 -1.16 -16.14 6.43
C GLU A 293 -0.55 -16.12 7.82
N ARG A 294 0.77 -16.17 7.93
CA ARG A 294 1.39 -16.10 9.25
C ARG A 294 1.13 -14.74 9.90
N MET A 295 1.13 -13.67 9.11
CA MET A 295 0.85 -12.34 9.64
C MET A 295 -0.54 -12.27 10.25
N LEU A 296 -1.51 -12.90 9.60
CA LEU A 296 -2.87 -12.92 10.12
C LEU A 296 -2.96 -13.73 11.42
N GLU A 297 -2.17 -14.81 11.51
CA GLU A 297 -2.12 -15.59 12.75
C GLU A 297 -1.61 -14.75 13.92
N MET A 298 -0.67 -13.86 13.65
CA MET A 298 -0.01 -13.10 14.71
C MET A 298 -0.77 -11.84 15.09
N SER A 299 -1.76 -11.45 14.30
CA SER A 299 -2.52 -10.22 14.54
C SER A 299 -3.82 -10.50 15.27
#